data_6BQK
#
_entry.id   6BQK
#
_cell.length_a   48.650
_cell.length_b   68.060
_cell.length_c   61.460
_cell.angle_alpha   90.00
_cell.angle_beta   109.58
_cell.angle_gamma   90.00
#
_symmetry.space_group_name_H-M   'P 1 21 1'
#
loop_
_entity.id
_entity.type
_entity.pdbx_description
1 polymer 'NS3 protease'
2 non-polymer N-(tert-butoxycarbonyl)-3-methyl-L-valyl-(4R)-4-[(7-chloro-4-methoxyisoquinolin-1-yl)oxy]-N-[(1R,2R)-1-[(cyclopropylsulfonyl)carbamoyl]-2-(difluoromethyl)cyclopropyl]-L-prolinamide
3 non-polymer 'ZINC ION'
4 water water
#
_entity_poly.entity_id   1
_entity_poly.type   'polypeptide(L)'
_entity_poly.pdbx_seq_one_letter_code
;MKKKGSVVIVGRINLSGDTAYAQQTRGEEGCQETSQTGRDKNQVEGEVQIVSTATQTFLATSINGVLWTVYHGAGTRTIA
SPKGPVTQMYTNVDKDLVGWQAPQGSRSLTPCTCGSSDLYLVTRHADVIPVRRRGDSRGSLLSPRPISYLKGSSGGPLLC
PAGHAVGIFRAAVCTRGVAKAVDFIPVESLETTMRSPAIRAPSTSLRPHSSTTTTTTEI
;
_entity_poly.pdbx_strand_id   A,B
#
# COMPACT_ATOMS: atom_id res chain seq x y z
N GLY A 5 -33.57 -2.84 20.15
CA GLY A 5 -32.71 -2.01 21.00
C GLY A 5 -31.90 -1.02 20.19
N SER A 6 -31.89 0.26 20.62
CA SER A 6 -31.15 1.34 19.95
C SER A 6 -29.68 1.33 20.34
N VAL A 7 -28.85 1.89 19.46
CA VAL A 7 -27.45 2.19 19.68
C VAL A 7 -27.47 3.39 20.65
N VAL A 8 -26.51 3.45 21.61
CA VAL A 8 -26.45 4.52 22.61
C VAL A 8 -25.08 5.21 22.59
N ILE A 9 -25.09 6.55 22.63
CA ILE A 9 -23.88 7.37 22.71
C ILE A 9 -23.43 7.28 24.18
N VAL A 10 -22.17 6.90 24.43
CA VAL A 10 -21.67 6.78 25.83
C VAL A 10 -20.46 7.69 26.10
N GLY A 11 -20.00 8.36 25.06
CA GLY A 11 -18.84 9.24 25.12
C GLY A 11 -18.63 9.96 23.82
N ARG A 12 -17.58 10.76 23.77
CA ARG A 12 -17.26 11.60 22.63
C ARG A 12 -15.75 11.86 22.59
N ILE A 13 -15.25 12.11 21.40
CA ILE A 13 -13.87 12.47 21.15
C ILE A 13 -13.90 13.80 20.44
N ASN A 14 -13.21 14.78 21.02
CA ASN A 14 -13.12 16.11 20.47
C ASN A 14 -11.85 16.18 19.67
N LEU A 15 -11.95 16.67 18.40
CA LEU A 15 -10.82 16.83 17.47
C LEU A 15 -10.57 18.33 17.04
N SER A 16 -11.30 19.32 17.58
CA SER A 16 -11.21 20.72 17.12
C SER A 16 -10.24 21.68 17.84
N GLY A 17 -9.70 21.28 18.98
CA GLY A 17 -8.77 22.14 19.71
C GLY A 17 -7.32 21.85 19.34
N ASP A 18 -6.42 22.00 20.30
CA ASP A 18 -5.01 21.67 20.06
C ASP A 18 -4.70 20.25 20.61
N THR A 19 -5.66 19.67 21.36
CA THR A 19 -5.62 18.37 22.07
C THR A 19 -6.80 17.46 21.67
N ALA A 20 -6.51 16.23 21.25
CA ALA A 20 -7.53 15.22 20.96
C ALA A 20 -7.78 14.54 22.29
N TYR A 21 -9.03 14.56 22.75
CA TYR A 21 -9.31 13.92 24.04
C TYR A 21 -10.67 13.22 23.98
N ALA A 22 -10.85 12.23 24.86
CA ALA A 22 -12.08 11.51 25.02
C ALA A 22 -12.73 11.93 26.33
N GLN A 23 -14.06 11.86 26.35
CA GLN A 23 -14.88 12.15 27.53
C GLN A 23 -16.02 11.14 27.56
N GLN A 24 -16.16 10.43 28.68
CA GLN A 24 -17.22 9.45 28.88
C GLN A 24 -18.40 10.20 29.46
N THR A 25 -19.59 9.95 28.91
CA THR A 25 -20.83 10.66 29.31
C THR A 25 -21.88 9.74 29.91
N ARG A 26 -21.74 8.41 29.74
CA ARG A 26 -22.73 7.45 30.26
C ARG A 26 -22.09 6.22 30.88
N GLY A 27 -22.64 5.79 32.02
CA GLY A 27 -22.27 4.57 32.73
C GLY A 27 -23.02 3.34 32.23
N GLU A 28 -23.01 2.23 33.00
CA GLU A 28 -23.69 0.99 32.61
C GLU A 28 -25.21 0.97 32.97
N GLU A 29 -25.57 1.50 34.16
CA GLU A 29 -26.94 1.54 34.72
C GLU A 29 -28.00 2.22 33.84
N GLY A 30 -27.58 3.16 33.00
CA GLY A 30 -28.46 3.91 32.13
C GLY A 30 -28.56 3.40 30.71
N CYS A 31 -27.45 2.85 30.17
CA CYS A 31 -27.34 2.32 28.79
C CYS A 31 -28.52 1.39 28.41
N GLN A 32 -28.84 0.37 29.24
CA GLN A 32 -29.89 -0.62 28.96
C GLN A 32 -31.31 -0.02 28.85
N GLU A 33 -31.70 0.88 29.78
CA GLU A 33 -33.01 1.53 29.76
C GLU A 33 -33.13 2.48 28.56
N THR A 34 -32.02 3.18 28.24
CA THR A 34 -31.91 4.11 27.12
C THR A 34 -31.99 3.32 25.82
N SER A 35 -31.43 2.10 25.81
CA SER A 35 -31.46 1.25 24.62
C SER A 35 -32.88 0.77 24.31
N GLN A 36 -33.61 0.29 25.32
CA GLN A 36 -34.98 -0.18 25.13
C GLN A 36 -35.95 0.93 24.69
N THR A 37 -35.88 2.12 25.31
CA THR A 37 -36.77 3.24 24.98
C THR A 37 -36.32 3.97 23.72
N GLY A 38 -35.00 4.06 23.54
CA GLY A 38 -34.41 4.83 22.45
C GLY A 38 -34.50 6.31 22.73
N ARG A 39 -34.74 6.68 24.01
CA ARG A 39 -34.85 8.06 24.49
C ARG A 39 -33.67 8.41 25.41
N ASP A 40 -32.81 9.33 24.94
CA ASP A 40 -31.57 9.78 25.58
C ASP A 40 -31.55 11.30 25.53
N LYS A 41 -31.83 11.93 26.66
CA LYS A 41 -31.88 13.39 26.74
C LYS A 41 -30.51 14.02 27.03
N ASN A 42 -29.38 13.23 27.03
CA ASN A 42 -28.04 13.79 27.25
C ASN A 42 -27.57 14.60 26.07
N GLN A 43 -26.86 15.72 26.33
CA GLN A 43 -26.33 16.60 25.30
C GLN A 43 -25.20 15.97 24.54
N VAL A 44 -25.15 16.23 23.24
CA VAL A 44 -24.12 15.71 22.33
C VAL A 44 -23.11 16.80 22.05
N GLU A 45 -21.84 16.42 21.84
CA GLU A 45 -20.72 17.30 21.51
C GLU A 45 -19.63 16.49 20.77
N GLY A 46 -18.79 17.18 20.02
CA GLY A 46 -17.65 16.56 19.34
C GLY A 46 -17.95 15.97 17.99
N GLU A 47 -16.88 15.67 17.25
CA GLU A 47 -16.86 15.14 15.90
C GLU A 47 -17.06 13.61 15.87
N VAL A 48 -16.60 12.92 16.93
CA VAL A 48 -16.63 11.46 17.04
C VAL A 48 -17.40 11.07 18.29
N GLN A 49 -18.38 10.13 18.13
CA GLN A 49 -19.18 9.67 19.24
C GLN A 49 -18.71 8.26 19.59
N ILE A 50 -18.67 7.93 20.89
CA ILE A 50 -18.29 6.58 21.33
C ILE A 50 -19.66 5.94 21.53
N VAL A 51 -19.93 4.87 20.80
CA VAL A 51 -21.27 4.29 20.89
C VAL A 51 -21.26 2.84 21.36
N SER A 52 -22.38 2.38 21.88
CA SER A 52 -22.48 1.02 22.33
C SER A 52 -23.79 0.38 21.90
N THR A 53 -23.77 -0.96 21.85
CA THR A 53 -24.92 -1.83 21.69
C THR A 53 -24.96 -2.65 22.99
N ALA A 54 -25.73 -3.75 23.04
CA ALA A 54 -25.90 -4.68 24.16
C ALA A 54 -24.59 -4.98 24.92
N THR A 55 -23.55 -5.46 24.21
CA THR A 55 -22.29 -5.84 24.84
C THR A 55 -21.06 -5.29 24.12
N GLN A 56 -21.26 -4.63 22.96
CA GLN A 56 -20.16 -4.11 22.16
C GLN A 56 -20.12 -2.59 22.10
N THR A 57 -18.92 -2.03 21.98
CA THR A 57 -18.68 -0.60 21.90
C THR A 57 -17.75 -0.30 20.71
N PHE A 58 -18.00 0.82 20.02
CA PHE A 58 -17.27 1.20 18.81
C PHE A 58 -17.41 2.71 18.61
N LEU A 59 -16.97 3.22 17.46
CA LEU A 59 -17.02 4.65 17.15
C LEU A 59 -18.04 5.02 16.06
N ALA A 60 -18.40 6.31 15.98
CA ALA A 60 -19.26 6.90 14.93
C ALA A 60 -18.73 8.30 14.65
N THR A 61 -18.56 8.64 13.38
CA THR A 61 -17.97 9.92 12.96
C THR A 61 -19.00 10.79 12.21
N SER A 62 -19.03 12.09 12.53
CA SER A 62 -19.92 13.05 11.84
C SER A 62 -19.19 13.68 10.65
N ILE A 63 -19.72 13.48 9.41
CA ILE A 63 -19.20 14.02 8.15
C ILE A 63 -20.41 14.39 7.27
N ASN A 64 -20.44 15.65 6.77
CA ASN A 64 -21.53 16.19 5.91
C ASN A 64 -22.89 16.17 6.58
N GLY A 65 -22.89 16.41 7.89
CA GLY A 65 -24.13 16.43 8.67
C GLY A 65 -24.77 15.07 8.93
N VAL A 66 -24.01 13.98 8.65
CA VAL A 66 -24.49 12.61 8.92
C VAL A 66 -23.53 12.02 9.95
N LEU A 67 -24.03 11.23 10.88
CA LEU A 67 -23.21 10.49 11.85
C LEU A 67 -23.05 9.09 11.24
N TRP A 68 -21.85 8.76 10.78
CA TRP A 68 -21.55 7.50 10.11
C TRP A 68 -20.94 6.49 11.07
N THR A 69 -21.22 5.21 10.82
CA THR A 69 -20.60 4.09 11.55
C THR A 69 -20.61 2.84 10.67
N VAL A 70 -20.06 1.76 11.21
CA VAL A 70 -19.92 0.47 10.55
C VAL A 70 -21.17 -0.35 10.75
N TYR A 71 -21.63 -1.04 9.69
CA TYR A 71 -22.79 -1.92 9.80
C TYR A 71 -22.48 -3.09 10.76
N HIS A 72 -21.24 -3.60 10.72
CA HIS A 72 -20.81 -4.75 11.54
C HIS A 72 -20.92 -4.44 13.03
N GLY A 73 -21.10 -3.15 13.35
CA GLY A 73 -21.33 -2.67 14.69
C GLY A 73 -22.81 -2.36 14.91
N ALA A 74 -23.35 -1.42 14.13
CA ALA A 74 -24.72 -0.97 14.38
C ALA A 74 -25.81 -1.86 13.84
N GLY A 75 -25.56 -2.59 12.75
CA GLY A 75 -26.62 -3.37 12.11
C GLY A 75 -27.69 -2.42 11.61
N THR A 76 -28.98 -2.79 11.69
CA THR A 76 -30.08 -1.91 11.19
C THR A 76 -30.70 -1.05 12.30
N ARG A 77 -30.02 -0.97 13.45
CA ARG A 77 -30.54 -0.30 14.62
C ARG A 77 -30.78 1.18 14.48
N THR A 78 -31.75 1.67 15.27
CA THR A 78 -32.01 3.10 15.42
C THR A 78 -30.94 3.56 16.45
N ILE A 79 -30.76 4.87 16.60
CA ILE A 79 -29.89 5.45 17.60
C ILE A 79 -30.80 6.24 18.58
N ALA A 80 -30.50 6.16 19.89
CA ALA A 80 -31.22 6.86 20.97
C ALA A 80 -31.02 8.38 20.82
N SER A 81 -32.07 9.16 21.09
CA SER A 81 -32.06 10.63 20.95
C SER A 81 -33.06 11.28 21.92
N PRO A 82 -33.04 12.62 22.12
CA PRO A 82 -34.01 13.24 23.07
C PRO A 82 -35.49 13.06 22.73
N LYS A 83 -35.81 12.99 21.43
CA LYS A 83 -37.17 12.84 20.93
C LYS A 83 -37.59 11.37 20.75
N GLY A 84 -36.64 10.44 20.88
CA GLY A 84 -36.91 9.02 20.70
C GLY A 84 -35.98 8.36 19.68
N PRO A 85 -36.19 7.07 19.35
CA PRO A 85 -35.25 6.39 18.42
C PRO A 85 -35.20 6.97 17.00
N VAL A 86 -33.98 7.18 16.48
CA VAL A 86 -33.73 7.76 15.12
C VAL A 86 -33.38 6.64 14.12
N THR A 87 -34.16 6.51 13.04
CA THR A 87 -33.99 5.53 11.98
C THR A 87 -32.87 6.00 11.05
N GLN A 88 -32.11 5.03 10.51
CA GLN A 88 -31.00 5.29 9.60
C GLN A 88 -31.46 5.99 8.31
N MET A 89 -30.59 6.87 7.77
CA MET A 89 -30.82 7.61 6.56
C MET A 89 -30.10 6.81 5.47
N TYR A 90 -28.98 6.13 5.82
CA TYR A 90 -28.15 5.38 4.85
C TYR A 90 -27.70 4.06 5.40
N THR A 91 -27.57 3.08 4.51
CA THR A 91 -27.14 1.72 4.85
C THR A 91 -26.59 1.11 3.59
N ASN A 92 -25.35 0.67 3.63
CA ASN A 92 -24.72 -0.06 2.55
C ASN A 92 -23.96 -1.20 3.19
N VAL A 93 -24.60 -2.38 3.29
CA VAL A 93 -24.04 -3.63 3.87
C VAL A 93 -22.75 -4.03 3.13
N ASP A 94 -22.70 -3.89 1.81
CA ASP A 94 -21.50 -4.22 1.00
C ASP A 94 -20.29 -3.32 1.36
N LYS A 95 -20.56 -2.05 1.71
CA LYS A 95 -19.49 -1.11 2.09
C LYS A 95 -19.23 -1.19 3.58
N ASP A 96 -20.14 -1.83 4.37
CA ASP A 96 -20.11 -1.93 5.84
C ASP A 96 -20.38 -0.55 6.43
N LEU A 97 -21.32 0.19 5.82
CA LEU A 97 -21.57 1.57 6.17
C LEU A 97 -23.02 1.79 6.55
N VAL A 98 -23.23 2.53 7.65
CA VAL A 98 -24.53 2.92 8.19
C VAL A 98 -24.44 4.48 8.48
N GLY A 99 -25.57 5.19 8.46
CA GLY A 99 -25.60 6.63 8.77
C GLY A 99 -26.93 7.14 9.24
N TRP A 100 -26.93 8.02 10.28
CA TRP A 100 -28.14 8.68 10.79
C TRP A 100 -27.94 10.16 10.62
N GLN A 101 -29.00 10.98 10.67
CA GLN A 101 -28.78 12.45 10.62
C GLN A 101 -27.97 12.80 11.89
N ALA A 102 -26.93 13.63 11.78
CA ALA A 102 -26.12 13.95 12.96
C ALA A 102 -26.94 14.55 14.10
N PRO A 103 -26.68 14.17 15.40
CA PRO A 103 -27.44 14.78 16.51
C PRO A 103 -27.06 16.25 16.69
N GLN A 104 -27.94 17.05 17.35
CA GLN A 104 -27.65 18.46 17.61
C GLN A 104 -26.43 18.54 18.56
N GLY A 105 -25.45 19.35 18.18
CA GLY A 105 -24.23 19.56 18.95
C GLY A 105 -23.03 18.83 18.38
N SER A 106 -23.27 17.86 17.49
CA SER A 106 -22.22 17.10 16.85
C SER A 106 -21.66 17.93 15.69
N ARG A 107 -20.38 18.26 15.72
CA ARG A 107 -19.73 19.04 14.68
C ARG A 107 -19.21 18.08 13.62
N SER A 108 -19.44 18.39 12.32
CA SER A 108 -19.00 17.53 11.23
C SER A 108 -17.59 17.82 10.82
N LEU A 109 -16.84 16.78 10.46
CA LEU A 109 -15.49 16.93 9.91
C LEU A 109 -15.66 17.30 8.44
N THR A 110 -14.63 17.91 7.85
CA THR A 110 -14.56 18.34 6.45
C THR A 110 -13.96 17.22 5.58
N PRO A 111 -14.56 16.83 4.42
CA PRO A 111 -13.91 15.80 3.58
C PRO A 111 -12.59 16.31 2.99
N CYS A 112 -11.51 15.53 3.08
CA CYS A 112 -10.20 15.94 2.58
C CYS A 112 -10.16 16.00 1.05
N THR A 113 -9.52 17.07 0.52
CA THR A 113 -9.35 17.33 -0.91
C THR A 113 -7.88 17.60 -1.30
N CYS A 114 -6.91 17.61 -0.34
CA CYS A 114 -5.50 17.88 -0.66
C CYS A 114 -4.74 16.62 -1.17
N GLY A 115 -5.38 15.45 -1.08
CA GLY A 115 -4.85 14.18 -1.55
C GLY A 115 -3.54 13.77 -0.90
N SER A 116 -3.46 13.94 0.42
CA SER A 116 -2.30 13.61 1.26
C SER A 116 -2.13 12.08 1.39
N SER A 117 -0.87 11.62 1.44
CA SER A 117 -0.52 10.22 1.65
C SER A 117 -0.24 9.96 3.14
N ASP A 118 0.00 11.04 3.94
CA ASP A 118 0.27 10.98 5.38
C ASP A 118 -1.05 11.13 6.15
N LEU A 119 -1.50 10.02 6.75
CA LEU A 119 -2.79 9.91 7.43
C LEU A 119 -2.63 9.62 8.90
N TYR A 120 -3.68 9.88 9.69
CA TYR A 120 -3.71 9.70 11.13
C TYR A 120 -4.99 9.03 11.54
N LEU A 121 -4.89 7.84 12.14
CA LEU A 121 -6.05 7.09 12.64
C LEU A 121 -6.37 7.56 14.07
N VAL A 122 -7.67 7.77 14.36
CA VAL A 122 -8.15 8.19 15.68
C VAL A 122 -8.74 6.97 16.39
N THR A 123 -8.20 6.65 17.58
CA THR A 123 -8.69 5.51 18.34
C THR A 123 -9.72 5.95 19.35
N ARG A 124 -10.41 4.96 19.95
CA ARG A 124 -11.40 5.15 20.98
C ARG A 124 -10.82 5.81 22.25
N HIS A 125 -9.50 5.85 22.37
CA HIS A 125 -8.79 6.43 23.50
C HIS A 125 -8.30 7.83 23.15
N ALA A 126 -8.71 8.35 21.95
CA ALA A 126 -8.28 9.61 21.33
C ALA A 126 -6.77 9.66 21.11
N ASP A 127 -6.17 8.46 20.94
CA ASP A 127 -4.77 8.33 20.55
C ASP A 127 -4.82 8.55 19.04
N VAL A 128 -3.79 9.19 18.48
CA VAL A 128 -3.73 9.51 17.05
C VAL A 128 -2.53 8.75 16.47
N ILE A 129 -2.80 7.74 15.63
CA ILE A 129 -1.79 6.82 15.07
C ILE A 129 -1.45 7.13 13.58
N PRO A 130 -0.15 7.43 13.28
CA PRO A 130 0.23 7.70 11.88
C PRO A 130 0.16 6.49 10.97
N VAL A 131 -0.44 6.72 9.80
CA VAL A 131 -0.73 5.77 8.73
C VAL A 131 -0.21 6.36 7.41
N ARG A 132 0.32 5.52 6.51
CA ARG A 132 0.78 5.95 5.18
C ARG A 132 -0.19 5.33 4.15
N ARG A 133 -0.81 6.16 3.29
CA ARG A 133 -1.77 5.70 2.29
C ARG A 133 -1.09 4.79 1.28
N ARG A 134 -1.69 3.61 0.98
CA ARG A 134 -1.12 2.60 0.07
C ARG A 134 -2.07 2.22 -1.06
N GLY A 135 -3.15 2.97 -1.18
CA GLY A 135 -4.21 2.77 -2.16
C GLY A 135 -5.46 3.53 -1.76
N ASP A 136 -6.52 3.41 -2.56
CA ASP A 136 -7.80 4.09 -2.31
C ASP A 136 -8.43 3.80 -0.94
N SER A 137 -8.37 2.54 -0.49
CA SER A 137 -8.97 2.12 0.77
C SER A 137 -7.99 1.47 1.77
N ARG A 138 -6.67 1.58 1.55
CA ARG A 138 -5.66 0.95 2.41
C ARG A 138 -4.59 1.89 2.88
N GLY A 139 -4.11 1.62 4.07
CA GLY A 139 -3.03 2.37 4.71
C GLY A 139 -2.23 1.50 5.66
N SER A 140 -0.91 1.61 5.65
CA SER A 140 -0.05 0.80 6.52
C SER A 140 0.29 1.54 7.79
N LEU A 141 0.34 0.86 8.94
CA LEU A 141 0.71 1.54 10.19
C LEU A 141 2.22 1.78 10.18
N LEU A 142 2.67 3.00 10.57
CA LEU A 142 4.11 3.32 10.58
C LEU A 142 4.76 2.46 11.69
N SER A 143 4.00 2.21 12.78
CA SER A 143 4.46 1.32 13.85
C SER A 143 3.40 0.24 14.03
N PRO A 144 3.64 -1.03 13.59
CA PRO A 144 2.63 -2.09 13.76
C PRO A 144 2.17 -2.22 15.20
N ARG A 145 0.88 -2.44 15.37
CA ARG A 145 0.23 -2.52 16.67
C ARG A 145 -0.46 -3.85 16.76
N PRO A 146 -0.52 -4.51 17.97
CA PRO A 146 -1.33 -5.74 18.08
C PRO A 146 -2.82 -5.40 17.84
N ILE A 147 -3.58 -6.37 17.29
CA ILE A 147 -5.03 -6.27 16.98
C ILE A 147 -5.83 -5.80 18.19
N SER A 148 -5.49 -6.33 19.39
CA SER A 148 -6.12 -5.97 20.64
C SER A 148 -6.22 -4.43 20.89
N TYR A 149 -5.24 -3.67 20.39
CA TYR A 149 -5.21 -2.23 20.56
C TYR A 149 -6.29 -1.53 19.73
N LEU A 150 -6.62 -2.09 18.55
CA LEU A 150 -7.53 -1.47 17.60
C LEU A 150 -8.99 -1.84 17.73
N LYS A 151 -9.28 -2.84 18.57
CA LYS A 151 -10.61 -3.35 18.84
C LYS A 151 -11.47 -2.28 19.49
N GLY A 152 -12.68 -2.09 18.96
CA GLY A 152 -13.57 -1.07 19.48
C GLY A 152 -13.35 0.28 18.85
N SER A 153 -12.44 0.37 17.83
CA SER A 153 -12.17 1.64 17.13
C SER A 153 -12.77 1.75 15.71
N SER A 154 -13.44 0.71 15.21
CA SER A 154 -14.03 0.85 13.85
C SER A 154 -15.17 1.90 13.91
N GLY A 155 -15.36 2.60 12.81
CA GLY A 155 -16.29 3.72 12.69
C GLY A 155 -15.60 5.04 12.95
N GLY A 156 -14.37 4.99 13.47
CA GLY A 156 -13.59 6.20 13.74
C GLY A 156 -12.93 6.77 12.49
N PRO A 157 -12.43 8.02 12.53
CA PRO A 157 -11.85 8.63 11.32
C PRO A 157 -10.35 8.42 11.06
N LEU A 158 -9.98 8.47 9.78
CA LEU A 158 -8.61 8.56 9.26
C LEU A 158 -8.56 10.03 8.87
N LEU A 159 -7.59 10.76 9.40
CA LEU A 159 -7.49 12.20 9.11
C LEU A 159 -6.21 12.56 8.36
N CYS A 160 -6.25 13.65 7.58
CA CYS A 160 -5.08 14.15 6.88
C CYS A 160 -4.31 15.09 7.89
N PRO A 161 -3.09 15.61 7.57
CA PRO A 161 -2.40 16.47 8.55
C PRO A 161 -3.15 17.75 8.90
N ALA A 162 -4.07 18.22 8.01
CA ALA A 162 -4.85 19.45 8.26
C ALA A 162 -6.08 19.16 9.13
N GLY A 163 -6.32 17.87 9.43
CA GLY A 163 -7.44 17.44 10.26
C GLY A 163 -8.74 17.17 9.53
N HIS A 164 -8.68 17.01 8.21
CA HIS A 164 -9.88 16.68 7.42
C HIS A 164 -10.08 15.17 7.32
N ALA A 165 -11.33 14.73 7.09
CA ALA A 165 -11.68 13.31 6.98
C ALA A 165 -11.26 12.71 5.64
N VAL A 166 -10.47 11.63 5.70
CA VAL A 166 -10.01 10.87 4.53
C VAL A 166 -10.86 9.59 4.40
N GLY A 167 -11.18 8.98 5.52
CA GLY A 167 -11.97 7.76 5.54
C GLY A 167 -12.48 7.38 6.90
N ILE A 168 -13.20 6.25 6.95
CA ILE A 168 -13.78 5.68 8.18
C ILE A 168 -13.12 4.34 8.37
N PHE A 169 -12.50 4.11 9.56
CA PHE A 169 -11.81 2.86 9.84
C PHE A 169 -12.80 1.69 9.89
N ARG A 170 -12.61 0.71 9.02
CA ARG A 170 -13.52 -0.43 8.88
C ARG A 170 -12.88 -1.77 9.32
N ALA A 171 -11.67 -2.09 8.82
CA ALA A 171 -11.03 -3.36 9.13
C ALA A 171 -9.52 -3.30 9.27
N ALA A 172 -8.92 -4.30 9.90
CA ALA A 172 -7.47 -4.35 10.00
C ALA A 172 -6.89 -5.53 9.23
N VAL A 173 -5.72 -5.31 8.60
CA VAL A 173 -4.95 -6.30 7.86
C VAL A 173 -4.04 -6.92 8.92
N CYS A 174 -4.49 -8.04 9.46
CA CYS A 174 -3.86 -8.75 10.55
C CYS A 174 -3.02 -9.93 10.15
N THR A 175 -1.88 -10.06 10.80
CA THR A 175 -0.96 -11.17 10.61
C THR A 175 -0.47 -11.61 11.97
N ARG A 176 -0.94 -12.79 12.43
CA ARG A 176 -0.58 -13.42 13.71
C ARG A 176 -0.77 -12.46 14.92
N GLY A 177 -1.98 -11.88 15.04
CA GLY A 177 -2.31 -10.93 16.10
C GLY A 177 -1.78 -9.51 15.95
N VAL A 178 -1.04 -9.21 14.87
CA VAL A 178 -0.47 -7.87 14.64
C VAL A 178 -1.18 -7.19 13.47
N ALA A 179 -1.55 -5.92 13.66
CA ALA A 179 -2.18 -5.12 12.62
C ALA A 179 -1.08 -4.34 11.92
N LYS A 180 -0.83 -4.67 10.67
CA LYS A 180 0.23 -4.06 9.87
C LYS A 180 -0.33 -2.92 9.06
N ALA A 181 -1.63 -3.03 8.70
CA ALA A 181 -2.34 -2.08 7.86
C ALA A 181 -3.82 -2.00 8.24
N VAL A 182 -4.50 -1.00 7.68
CA VAL A 182 -5.90 -0.74 7.98
C VAL A 182 -6.66 -0.55 6.69
N ASP A 183 -7.91 -1.00 6.68
CA ASP A 183 -8.81 -0.84 5.56
C ASP A 183 -9.84 0.20 5.97
N PHE A 184 -10.12 1.15 5.08
CA PHE A 184 -11.06 2.21 5.41
C PHE A 184 -12.03 2.49 4.27
N ILE A 185 -13.21 3.04 4.59
CA ILE A 185 -14.21 3.47 3.63
C ILE A 185 -13.75 4.88 3.21
N PRO A 186 -13.31 5.13 1.92
CA PRO A 186 -12.89 6.50 1.55
C PRO A 186 -14.04 7.48 1.63
N VAL A 187 -13.74 8.73 1.98
CA VAL A 187 -14.76 9.78 2.13
C VAL A 187 -15.54 9.99 0.77
N GLU A 188 -14.93 9.72 -0.40
CA GLU A 188 -15.62 9.80 -1.71
C GLU A 188 -16.76 8.74 -1.83
N SER A 189 -16.61 7.59 -1.10
CA SER A 189 -17.61 6.51 -1.02
C SER A 189 -18.84 6.97 -0.21
N LEU A 190 -18.63 7.79 0.85
CA LEU A 190 -19.71 8.36 1.68
C LEU A 190 -20.54 9.36 0.85
N GLU A 191 -19.86 10.15 0.01
CA GLU A 191 -20.48 11.16 -0.85
C GLU A 191 -21.35 10.53 -1.91
N THR A 192 -20.92 9.36 -2.45
CA THR A 192 -21.67 8.56 -3.42
C THR A 192 -22.94 8.02 -2.77
N THR A 193 -22.81 7.56 -1.49
CA THR A 193 -23.91 7.01 -0.69
C THR A 193 -24.99 8.07 -0.45
N MET A 194 -24.59 9.32 -0.12
CA MET A 194 -25.55 10.43 0.11
C MET A 194 -26.27 10.89 -1.18
N ARG A 195 -25.66 10.68 -2.35
CA ARG A 195 -26.21 11.09 -3.64
C ARG A 195 -27.15 10.06 -4.31
N SER A 196 -26.95 8.76 -4.05
CA SER A 196 -27.68 7.68 -4.71
C SER A 196 -28.96 7.21 -3.99
N PRO A 197 -30.08 6.93 -4.73
CA PRO A 197 -31.28 6.42 -4.05
C PRO A 197 -31.22 4.90 -3.88
N GLY B 5 28.38 -12.27 -29.11
CA GLY B 5 28.20 -10.90 -28.64
C GLY B 5 27.84 -10.83 -27.17
N SER B 6 28.57 -10.02 -26.40
CA SER B 6 28.31 -9.82 -24.97
C SER B 6 27.18 -8.84 -24.75
N VAL B 7 26.51 -8.94 -23.59
CA VAL B 7 25.51 -8.00 -23.09
C VAL B 7 26.34 -6.78 -22.64
N VAL B 8 25.81 -5.56 -22.85
CA VAL B 8 26.51 -4.31 -22.49
C VAL B 8 25.68 -3.45 -21.55
N ILE B 9 26.33 -2.91 -20.50
CA ILE B 9 25.70 -1.98 -19.58
C ILE B 9 25.68 -0.63 -20.29
N VAL B 10 24.51 0.02 -20.39
CA VAL B 10 24.41 1.33 -21.09
C VAL B 10 23.88 2.46 -20.18
N GLY B 11 23.49 2.09 -18.98
CA GLY B 11 22.93 3.01 -17.99
C GLY B 11 22.73 2.33 -16.66
N ARG B 12 22.21 3.08 -15.72
CA ARG B 12 22.01 2.62 -14.34
C ARG B 12 20.84 3.37 -13.72
N ILE B 13 20.22 2.74 -12.74
CA ILE B 13 19.15 3.31 -11.96
C ILE B 13 19.60 3.23 -10.51
N ASN B 14 19.61 4.38 -9.85
CA ASN B 14 20.00 4.47 -8.46
C ASN B 14 18.75 4.44 -7.63
N LEU B 15 18.73 3.56 -6.58
CA LEU B 15 17.61 3.39 -5.66
C LEU B 15 17.98 3.72 -4.16
N SER B 16 19.20 4.20 -3.85
CA SER B 16 19.64 4.40 -2.46
C SER B 16 19.45 5.79 -1.81
N GLY B 17 19.13 6.82 -2.59
CA GLY B 17 18.94 8.15 -2.04
C GLY B 17 17.50 8.43 -1.67
N ASP B 18 17.06 9.67 -1.83
CA ASP B 18 15.66 10.02 -1.58
C ASP B 18 14.86 10.02 -2.93
N THR B 19 15.60 9.97 -4.06
CA THR B 19 15.13 10.05 -5.46
C THR B 19 15.60 8.84 -6.29
N ALA B 20 14.68 8.17 -6.99
CA ALA B 20 15.00 7.08 -7.91
C ALA B 20 15.25 7.78 -9.24
N TYR B 21 16.45 7.61 -9.80
CA TYR B 21 16.73 8.26 -11.08
C TYR B 21 17.54 7.33 -11.98
N ALA B 22 17.46 7.58 -13.30
CA ALA B 22 18.23 6.88 -14.30
C ALA B 22 19.32 7.78 -14.84
N GLN B 23 20.43 7.17 -15.27
CA GLN B 23 21.56 7.86 -15.87
C GLN B 23 22.07 6.97 -17.00
N GLN B 24 22.18 7.54 -18.20
CA GLN B 24 22.69 6.85 -19.38
C GLN B 24 24.18 7.05 -19.39
N THR B 25 24.94 5.97 -19.62
CA THR B 25 26.40 5.99 -19.58
C THR B 25 27.04 5.65 -20.91
N ARG B 26 26.27 5.06 -21.86
CA ARG B 26 26.80 4.67 -23.16
C ARG B 26 25.89 5.02 -24.32
N GLY B 27 26.52 5.55 -25.38
CA GLY B 27 25.92 5.90 -26.67
C GLY B 27 25.84 4.70 -27.61
N GLU B 28 25.61 4.97 -28.90
CA GLU B 28 25.45 3.91 -29.90
C GLU B 28 26.75 3.39 -30.53
N GLU B 29 27.65 4.30 -30.97
CA GLU B 29 28.90 4.01 -31.70
C GLU B 29 29.81 2.89 -31.09
N GLY B 30 30.39 3.14 -29.92
CA GLY B 30 31.28 2.18 -29.27
C GLY B 30 30.63 0.93 -28.71
N CYS B 31 29.28 0.94 -28.55
CA CYS B 31 28.45 -0.13 -27.98
C CYS B 31 28.61 -1.49 -28.71
N GLN B 32 28.60 -1.51 -30.07
CA GLN B 32 28.75 -2.77 -30.82
C GLN B 32 30.20 -3.28 -30.81
N GLU B 33 31.19 -2.38 -30.59
CA GLU B 33 32.59 -2.75 -30.45
C GLU B 33 32.78 -3.41 -29.07
N THR B 34 32.11 -2.85 -28.03
CA THR B 34 32.14 -3.36 -26.66
C THR B 34 31.48 -4.72 -26.64
N SER B 35 30.42 -4.90 -27.47
CA SER B 35 29.68 -6.14 -27.51
C SER B 35 30.53 -7.28 -28.07
N GLN B 36 31.25 -7.01 -29.17
CA GLN B 36 32.11 -7.96 -29.85
C GLN B 36 33.33 -8.34 -29.00
N THR B 37 34.00 -7.36 -28.37
CA THR B 37 35.19 -7.65 -27.54
C THR B 37 34.83 -8.19 -26.17
N GLY B 38 33.74 -7.68 -25.63
CA GLY B 38 33.33 -8.02 -24.27
C GLY B 38 34.16 -7.27 -23.26
N ARG B 39 34.87 -6.22 -23.71
CA ARG B 39 35.74 -5.37 -22.89
C ARG B 39 35.15 -3.95 -22.79
N ASP B 40 34.73 -3.59 -21.56
CA ASP B 40 34.07 -2.32 -21.19
C ASP B 40 34.75 -1.79 -19.96
N LYS B 41 35.59 -0.78 -20.12
CA LYS B 41 36.30 -0.18 -19.00
C LYS B 41 35.53 0.92 -18.27
N ASN B 42 34.22 1.14 -18.60
CA ASN B 42 33.40 2.15 -17.92
C ASN B 42 33.05 1.73 -16.51
N GLN B 43 33.02 2.72 -15.58
CA GLN B 43 32.70 2.49 -14.18
C GLN B 43 31.25 2.16 -14.00
N VAL B 44 30.97 1.25 -13.06
CA VAL B 44 29.63 0.79 -12.75
C VAL B 44 29.20 1.43 -11.43
N GLU B 45 27.89 1.69 -11.29
CA GLU B 45 27.26 2.28 -10.10
C GLU B 45 25.78 1.86 -10.06
N GLY B 46 25.19 1.91 -8.88
CA GLY B 46 23.76 1.65 -8.69
C GLY B 46 23.39 0.20 -8.54
N GLU B 47 22.14 -0.01 -8.10
CA GLU B 47 21.51 -1.29 -7.82
C GLU B 47 20.97 -1.97 -9.08
N VAL B 48 20.55 -1.17 -10.07
CA VAL B 48 19.93 -1.64 -11.32
C VAL B 48 20.73 -1.14 -12.50
N GLN B 49 21.08 -2.05 -13.41
CA GLN B 49 21.84 -1.71 -14.62
C GLN B 49 20.89 -1.74 -15.80
N ILE B 50 21.04 -0.81 -16.74
CA ILE B 50 20.24 -0.79 -17.97
C ILE B 50 21.14 -1.50 -18.94
N VAL B 51 20.68 -2.61 -19.49
CA VAL B 51 21.58 -3.38 -20.36
C VAL B 51 21.02 -3.56 -21.77
N SER B 52 21.90 -3.81 -22.72
CA SER B 52 21.46 -4.02 -24.07
C SER B 52 22.15 -5.21 -24.70
N THR B 53 21.47 -5.80 -25.71
CA THR B 53 22.00 -6.79 -26.63
C THR B 53 22.05 -6.04 -28.01
N ALA B 54 22.20 -6.74 -29.14
CA ALA B 54 22.26 -6.15 -30.49
C ALA B 54 21.19 -5.07 -30.77
N THR B 55 19.90 -5.39 -30.56
CA THR B 55 18.81 -4.45 -30.85
C THR B 55 17.83 -4.28 -29.70
N GLN B 56 18.00 -5.05 -28.60
CA GLN B 56 17.09 -4.99 -27.47
C GLN B 56 17.74 -4.47 -26.21
N THR B 57 16.93 -3.81 -25.36
CA THR B 57 17.38 -3.23 -24.11
C THR B 57 16.42 -3.64 -22.99
N PHE B 58 16.97 -3.90 -21.80
CA PHE B 58 16.20 -4.38 -20.65
C PHE B 58 16.97 -4.03 -19.38
N LEU B 59 16.52 -4.59 -18.25
CA LEU B 59 17.16 -4.30 -16.97
C LEU B 59 17.85 -5.50 -16.31
N ALA B 60 18.80 -5.23 -15.39
CA ALA B 60 19.48 -6.26 -14.58
C ALA B 60 19.61 -5.71 -13.16
N THR B 61 19.28 -6.52 -12.16
CA THR B 61 19.27 -6.11 -10.76
C THR B 61 20.32 -6.87 -9.94
N SER B 62 21.05 -6.14 -9.06
CA SER B 62 22.04 -6.74 -8.17
C SER B 62 21.40 -7.13 -6.82
N ILE B 63 21.43 -8.44 -6.48
CA ILE B 63 20.90 -9.02 -5.22
C ILE B 63 21.85 -10.14 -4.79
N ASN B 64 22.33 -10.08 -3.52
CA ASN B 64 23.27 -11.05 -2.93
C ASN B 64 24.59 -11.15 -3.66
N GLY B 65 25.07 -10.02 -4.18
CA GLY B 65 26.32 -9.96 -4.93
C GLY B 65 26.29 -10.56 -6.33
N VAL B 66 25.08 -10.85 -6.83
CA VAL B 66 24.90 -11.36 -8.20
C VAL B 66 24.10 -10.31 -8.97
N LEU B 67 24.40 -10.11 -10.23
CA LEU B 67 23.63 -9.23 -11.12
C LEU B 67 22.69 -10.17 -11.88
N TRP B 68 21.40 -10.09 -11.58
CA TRP B 68 20.38 -10.97 -12.14
C TRP B 68 19.65 -10.30 -13.30
N THR B 69 19.24 -11.10 -14.26
CA THR B 69 18.39 -10.66 -15.36
C THR B 69 17.57 -11.84 -15.90
N VAL B 70 16.75 -11.56 -16.92
CA VAL B 70 15.87 -12.51 -17.57
C VAL B 70 16.60 -13.24 -18.67
N TYR B 71 16.40 -14.54 -18.78
CA TYR B 71 17.00 -15.34 -19.87
C TYR B 71 16.44 -14.86 -21.24
N HIS B 72 15.13 -14.52 -21.29
CA HIS B 72 14.46 -14.07 -22.53
C HIS B 72 15.11 -12.80 -23.08
N GLY B 73 15.93 -12.17 -22.26
CA GLY B 73 16.71 -11.02 -22.66
C GLY B 73 18.15 -11.39 -22.92
N ALA B 74 18.85 -11.91 -21.90
CA ALA B 74 20.27 -12.19 -22.05
C ALA B 74 20.65 -13.46 -22.77
N GLY B 75 19.81 -14.48 -22.71
CA GLY B 75 20.18 -15.77 -23.30
C GLY B 75 21.38 -16.33 -22.55
N THR B 76 22.32 -16.98 -23.25
CA THR B 76 23.52 -17.57 -22.59
C THR B 76 24.74 -16.64 -22.64
N ARG B 77 24.52 -15.38 -23.00
CA ARG B 77 25.58 -14.42 -23.23
C ARG B 77 26.44 -14.11 -22.02
N THR B 78 27.70 -13.73 -22.32
CA THR B 78 28.61 -13.19 -21.33
C THR B 78 28.21 -11.70 -21.21
N ILE B 79 28.71 -11.01 -20.19
CA ILE B 79 28.50 -9.59 -19.99
C ILE B 79 29.90 -8.92 -20.13
N ALA B 80 29.96 -7.77 -20.81
CA ALA B 80 31.17 -6.96 -20.99
C ALA B 80 31.68 -6.41 -19.63
N SER B 81 33.01 -6.39 -19.44
CA SER B 81 33.64 -5.96 -18.19
C SER B 81 35.05 -5.40 -18.46
N PRO B 82 35.71 -4.73 -17.49
CA PRO B 82 37.07 -4.17 -17.77
C PRO B 82 38.15 -5.19 -18.14
N LYS B 83 38.04 -6.41 -17.60
CA LYS B 83 39.00 -7.50 -17.84
C LYS B 83 38.60 -8.40 -19.02
N GLY B 84 37.40 -8.20 -19.57
CA GLY B 84 36.91 -9.02 -20.67
C GLY B 84 35.56 -9.65 -20.40
N PRO B 85 35.03 -10.49 -21.33
CA PRO B 85 33.69 -11.05 -21.12
C PRO B 85 33.52 -11.96 -19.89
N VAL B 86 32.45 -11.73 -19.11
CA VAL B 86 32.14 -12.49 -17.88
C VAL B 86 31.06 -13.56 -18.14
N THR B 87 31.37 -14.84 -17.90
CA THR B 87 30.49 -15.98 -18.10
C THR B 87 29.49 -16.02 -16.93
N GLN B 88 28.27 -16.46 -17.20
CA GLN B 88 27.19 -16.59 -16.21
C GLN B 88 27.57 -17.56 -15.09
N MET B 89 27.10 -17.27 -13.86
CA MET B 89 27.29 -18.07 -12.67
C MET B 89 26.03 -18.91 -12.53
N TYR B 90 24.87 -18.37 -12.95
CA TYR B 90 23.56 -19.03 -12.82
C TYR B 90 22.70 -18.88 -14.05
N THR B 91 21.90 -19.90 -14.33
CA THR B 91 21.00 -19.94 -15.48
C THR B 91 19.93 -20.94 -15.16
N ASN B 92 18.68 -20.50 -15.21
CA ASN B 92 17.54 -21.35 -15.06
C ASN B 92 16.52 -20.92 -16.10
N VAL B 93 16.57 -21.58 -17.28
CA VAL B 93 15.67 -21.33 -18.44
C VAL B 93 14.19 -21.47 -18.02
N ASP B 94 13.85 -22.45 -17.19
CA ASP B 94 12.47 -22.66 -16.71
C ASP B 94 11.96 -21.48 -15.85
N LYS B 95 12.88 -20.84 -15.08
CA LYS B 95 12.52 -19.69 -14.25
C LYS B 95 12.67 -18.40 -15.03
N ASP B 96 13.35 -18.44 -16.20
CA ASP B 96 13.67 -17.29 -17.06
C ASP B 96 14.70 -16.42 -16.33
N LEU B 97 15.65 -17.06 -15.65
CA LEU B 97 16.60 -16.37 -14.80
C LEU B 97 18.02 -16.64 -15.22
N VAL B 98 18.84 -15.58 -15.24
CA VAL B 98 20.26 -15.61 -15.58
C VAL B 98 20.98 -14.75 -14.47
N GLY B 99 22.26 -15.02 -14.20
CA GLY B 99 23.04 -14.25 -13.22
C GLY B 99 24.53 -14.30 -13.42
N TRP B 100 25.22 -13.14 -13.26
CA TRP B 100 26.67 -13.05 -13.34
C TRP B 100 27.14 -12.51 -12.00
N GLN B 101 28.43 -12.66 -11.65
CA GLN B 101 28.93 -12.03 -10.40
C GLN B 101 28.73 -10.50 -10.59
N ALA B 102 28.21 -9.80 -9.58
CA ALA B 102 27.98 -8.35 -9.73
C ALA B 102 29.27 -7.58 -10.10
N PRO B 103 29.22 -6.57 -11.00
CA PRO B 103 30.43 -5.81 -11.32
C PRO B 103 30.86 -4.94 -10.12
N GLN B 104 32.15 -4.51 -10.10
CA GLN B 104 32.66 -3.62 -9.03
C GLN B 104 31.89 -2.28 -9.12
N GLY B 105 31.35 -1.83 -8.00
CA GLY B 105 30.61 -0.57 -7.90
C GLY B 105 29.11 -0.73 -7.84
N SER B 106 28.63 -1.94 -8.22
CA SER B 106 27.20 -2.23 -8.20
C SER B 106 26.82 -2.61 -6.77
N ARG B 107 25.89 -1.86 -6.18
CA ARG B 107 25.44 -2.12 -4.82
C ARG B 107 24.25 -3.09 -4.88
N SER B 108 24.25 -4.13 -4.01
CA SER B 108 23.18 -5.12 -3.99
C SER B 108 22.02 -4.69 -3.15
N LEU B 109 20.80 -5.04 -3.58
CA LEU B 109 19.58 -4.81 -2.81
C LEU B 109 19.49 -5.93 -1.79
N THR B 110 18.74 -5.69 -0.70
CA THR B 110 18.51 -6.63 0.40
C THR B 110 17.26 -7.48 0.11
N PRO B 111 17.25 -8.83 0.26
CA PRO B 111 16.01 -9.59 0.05
C PRO B 111 14.96 -9.27 1.13
N CYS B 112 13.69 -9.03 0.75
CA CYS B 112 12.64 -8.65 1.70
C CYS B 112 12.19 -9.82 2.59
N THR B 113 12.08 -9.53 3.89
CA THR B 113 11.65 -10.46 4.95
C THR B 113 10.42 -9.91 5.69
N CYS B 114 9.95 -8.71 5.29
CA CYS B 114 8.80 -8.01 5.87
C CYS B 114 7.49 -8.75 5.65
N GLY B 115 7.35 -9.38 4.49
CA GLY B 115 6.11 -10.05 4.10
C GLY B 115 4.99 -9.05 3.81
N SER B 116 5.31 -7.99 3.05
CA SER B 116 4.39 -6.93 2.66
C SER B 116 3.65 -7.25 1.35
N SER B 117 2.38 -6.81 1.26
CA SER B 117 1.57 -6.97 0.05
C SER B 117 1.57 -5.68 -0.78
N ASP B 118 2.26 -4.62 -0.26
CA ASP B 118 2.41 -3.32 -0.90
C ASP B 118 3.75 -3.31 -1.59
N LEU B 119 3.73 -3.50 -2.90
CA LEU B 119 4.94 -3.60 -3.71
C LEU B 119 5.05 -2.44 -4.68
N TYR B 120 6.27 -2.19 -5.17
CA TYR B 120 6.60 -1.12 -6.09
C TYR B 120 7.49 -1.63 -7.20
N LEU B 121 7.01 -1.55 -8.44
CA LEU B 121 7.79 -1.96 -9.62
C LEU B 121 8.65 -0.78 -10.09
N VAL B 122 9.93 -1.07 -10.44
CA VAL B 122 10.87 -0.07 -10.92
C VAL B 122 11.01 -0.21 -12.44
N THR B 123 10.71 0.87 -13.17
CA THR B 123 10.78 0.82 -14.63
C THR B 123 12.11 1.30 -15.09
N ARG B 124 12.34 1.13 -16.39
CA ARG B 124 13.59 1.56 -16.99
C ARG B 124 13.79 3.08 -17.00
N HIS B 125 12.74 3.87 -16.71
CA HIS B 125 12.92 5.32 -16.67
C HIS B 125 12.99 5.77 -15.23
N ALA B 126 13.09 4.79 -14.29
CA ALA B 126 13.14 4.95 -12.84
C ALA B 126 11.84 5.49 -12.26
N ASP B 127 10.72 5.19 -12.97
CA ASP B 127 9.38 5.48 -12.47
C ASP B 127 9.12 4.32 -11.51
N VAL B 128 8.39 4.57 -10.42
CA VAL B 128 8.10 3.57 -9.39
C VAL B 128 6.59 3.37 -9.38
N ILE B 129 6.12 2.19 -9.81
CA ILE B 129 4.70 1.85 -9.98
C ILE B 129 4.15 0.92 -8.85
N PRO B 130 3.12 1.38 -8.09
CA PRO B 130 2.55 0.54 -7.04
C PRO B 130 1.81 -0.69 -7.55
N VAL B 131 2.11 -1.80 -6.89
CA VAL B 131 1.64 -3.16 -7.15
C VAL B 131 1.13 -3.75 -5.84
N ARG B 132 0.06 -4.55 -5.90
CA ARG B 132 -0.45 -5.25 -4.74
C ARG B 132 -0.20 -6.75 -4.94
N ARG B 133 0.51 -7.40 -4.01
CA ARG B 133 0.83 -8.83 -4.09
C ARG B 133 -0.44 -9.63 -4.10
N ARG B 134 -0.56 -10.59 -5.04
CA ARG B 134 -1.74 -11.44 -5.23
C ARG B 134 -1.26 -12.89 -5.44
N GLY B 135 -0.41 -13.36 -4.54
CA GLY B 135 0.21 -14.68 -4.64
C GLY B 135 1.72 -14.62 -4.64
N ASP B 136 2.38 -15.79 -4.63
CA ASP B 136 3.85 -15.89 -4.55
C ASP B 136 4.61 -15.18 -5.68
N SER B 137 4.09 -15.27 -6.91
CA SER B 137 4.75 -14.69 -8.10
C SER B 137 3.88 -13.68 -8.88
N ARG B 138 2.75 -13.21 -8.30
CA ARG B 138 1.86 -12.28 -8.99
C ARG B 138 1.50 -11.07 -8.19
N GLY B 139 1.17 -9.99 -8.91
CA GLY B 139 0.74 -8.73 -8.32
C GLY B 139 -0.04 -7.90 -9.32
N SER B 140 -1.11 -7.27 -8.87
CA SER B 140 -1.96 -6.42 -9.71
C SER B 140 -1.45 -5.01 -9.72
N LEU B 141 -1.53 -4.33 -10.87
CA LEU B 141 -1.17 -2.92 -10.91
C LEU B 141 -2.34 -2.15 -10.30
N LEU B 142 -2.06 -1.18 -9.41
CA LEU B 142 -3.12 -0.37 -8.77
C LEU B 142 -3.76 0.50 -9.85
N SER B 143 -2.96 0.92 -10.84
CA SER B 143 -3.48 1.67 -11.99
C SER B 143 -3.03 0.94 -13.25
N PRO B 144 -3.94 0.20 -13.97
CA PRO B 144 -3.52 -0.52 -15.18
C PRO B 144 -2.82 0.39 -16.19
N ARG B 145 -1.78 -0.14 -16.79
CA ARG B 145 -0.93 0.57 -17.73
C ARG B 145 -0.94 -0.18 -19.04
N PRO B 146 -0.89 0.51 -20.22
CA PRO B 146 -0.74 -0.23 -21.48
C PRO B 146 0.61 -0.98 -21.49
N ILE B 147 0.67 -2.15 -22.19
CA ILE B 147 1.86 -3.01 -22.34
C ILE B 147 3.06 -2.22 -22.82
N SER B 148 2.84 -1.32 -23.78
CA SER B 148 3.88 -0.44 -24.34
C SER B 148 4.73 0.28 -23.28
N TYR B 149 4.12 0.62 -22.14
CA TYR B 149 4.82 1.32 -21.06
C TYR B 149 5.85 0.42 -20.36
N LEU B 150 5.57 -0.90 -20.25
CA LEU B 150 6.40 -1.80 -19.47
C LEU B 150 7.49 -2.51 -20.24
N LYS B 151 7.46 -2.38 -21.58
CA LYS B 151 8.43 -2.99 -22.49
C LYS B 151 9.83 -2.43 -22.21
N GLY B 152 10.81 -3.32 -22.12
CA GLY B 152 12.16 -2.93 -21.79
C GLY B 152 12.45 -2.84 -20.32
N SER B 153 11.49 -3.23 -19.47
CA SER B 153 11.69 -3.19 -18.03
C SER B 153 11.88 -4.59 -17.40
N SER B 154 11.70 -5.70 -18.14
CA SER B 154 11.94 -7.01 -17.49
C SER B 154 13.39 -7.06 -16.95
N GLY B 155 13.60 -7.78 -15.86
CA GLY B 155 14.89 -7.86 -15.17
C GLY B 155 15.04 -6.82 -14.07
N GLY B 156 14.08 -5.90 -14.00
CA GLY B 156 14.05 -4.88 -12.96
C GLY B 156 13.41 -5.36 -11.67
N PRO B 157 13.58 -4.62 -10.53
CA PRO B 157 13.04 -5.11 -9.25
C PRO B 157 11.62 -4.70 -8.88
N LEU B 158 10.98 -5.56 -8.06
CA LEU B 158 9.73 -5.31 -7.35
C LEU B 158 10.27 -5.04 -5.95
N LEU B 159 9.92 -3.90 -5.37
CA LEU B 159 10.42 -3.54 -4.05
C LEU B 159 9.31 -3.42 -3.02
N CYS B 160 9.62 -3.70 -1.75
CA CYS B 160 8.67 -3.53 -0.64
C CYS B 160 8.71 -2.02 -0.23
N PRO B 161 7.84 -1.52 0.69
CA PRO B 161 7.92 -0.09 1.05
C PRO B 161 9.24 0.34 1.67
N ALA B 162 9.98 -0.59 2.30
CA ALA B 162 11.28 -0.29 2.92
C ALA B 162 12.43 -0.25 1.89
N GLY B 163 12.13 -0.60 0.64
CA GLY B 163 13.11 -0.62 -0.44
C GLY B 163 13.89 -1.91 -0.61
N HIS B 164 13.39 -3.01 -0.02
CA HIS B 164 14.05 -4.32 -0.18
C HIS B 164 13.51 -5.05 -1.41
N ALA B 165 14.29 -5.99 -1.97
CA ALA B 165 13.90 -6.78 -3.15
C ALA B 165 12.92 -7.87 -2.82
N VAL B 166 11.79 -7.88 -3.52
CA VAL B 166 10.73 -8.88 -3.37
C VAL B 166 10.81 -9.86 -4.56
N GLY B 167 11.08 -9.34 -5.73
CA GLY B 167 11.21 -10.15 -6.94
C GLY B 167 11.83 -9.43 -8.11
N ILE B 168 11.92 -10.15 -9.22
CA ILE B 168 12.48 -9.65 -10.49
C ILE B 168 11.35 -9.69 -11.50
N PHE B 169 11.04 -8.52 -12.13
CA PHE B 169 9.95 -8.43 -13.10
C PHE B 169 10.26 -9.29 -14.34
N ARG B 170 9.39 -10.28 -14.62
CA ARG B 170 9.60 -11.23 -15.71
C ARG B 170 8.58 -11.11 -16.87
N ALA B 171 7.26 -11.13 -16.55
CA ALA B 171 6.19 -11.06 -17.54
C ALA B 171 5.03 -10.16 -17.15
N ALA B 172 4.21 -9.80 -18.14
CA ALA B 172 2.99 -9.04 -17.85
C ALA B 172 1.72 -9.87 -18.14
N VAL B 173 0.66 -9.68 -17.33
CA VAL B 173 -0.64 -10.33 -17.51
C VAL B 173 -1.43 -9.30 -18.32
N CYS B 174 -1.44 -9.48 -19.63
CA CYS B 174 -2.00 -8.58 -20.60
C CYS B 174 -3.36 -8.97 -21.10
N THR B 175 -4.23 -7.97 -21.24
CA THR B 175 -5.57 -8.12 -21.78
C THR B 175 -5.81 -6.95 -22.73
N ARG B 176 -5.82 -7.25 -24.05
CA ARG B 176 -6.04 -6.31 -25.14
C ARG B 176 -5.14 -5.05 -25.05
N GLY B 177 -3.82 -5.28 -24.97
CA GLY B 177 -2.82 -4.23 -24.87
C GLY B 177 -2.67 -3.56 -23.51
N VAL B 178 -3.44 -3.98 -22.51
CA VAL B 178 -3.37 -3.40 -21.15
C VAL B 178 -2.75 -4.41 -20.16
N ALA B 179 -1.80 -3.96 -19.35
CA ALA B 179 -1.18 -4.79 -18.32
C ALA B 179 -1.95 -4.54 -17.03
N LYS B 180 -2.65 -5.56 -16.56
CA LYS B 180 -3.46 -5.48 -15.36
C LYS B 180 -2.68 -5.98 -14.15
N ALA B 181 -1.73 -6.89 -14.40
CA ALA B 181 -0.90 -7.53 -13.40
C ALA B 181 0.50 -7.88 -13.94
N VAL B 182 1.38 -8.27 -13.04
CA VAL B 182 2.77 -8.57 -13.39
C VAL B 182 3.16 -9.88 -12.75
N ASP B 183 3.99 -10.64 -13.45
CA ASP B 183 4.53 -11.90 -12.96
C ASP B 183 6.00 -11.65 -12.64
N PHE B 184 6.44 -12.12 -11.49
CA PHE B 184 7.82 -11.90 -11.08
C PHE B 184 8.46 -13.17 -10.50
N ILE B 185 9.79 -13.24 -10.55
CA ILE B 185 10.58 -14.32 -9.97
C ILE B 185 10.72 -13.92 -8.48
N PRO B 186 10.13 -14.66 -7.49
CA PRO B 186 10.29 -14.25 -6.08
C PRO B 186 11.74 -14.34 -5.65
N VAL B 187 12.16 -13.46 -4.73
CA VAL B 187 13.54 -13.42 -4.24
C VAL B 187 13.94 -14.80 -3.57
N GLU B 188 12.96 -15.56 -3.01
CA GLU B 188 13.23 -16.90 -2.44
C GLU B 188 13.68 -17.93 -3.54
N SER B 189 13.22 -17.71 -4.81
CA SER B 189 13.59 -18.50 -5.98
C SER B 189 15.06 -18.23 -6.37
N LEU B 190 15.55 -16.97 -6.21
CA LEU B 190 16.95 -16.60 -6.49
C LEU B 190 17.87 -17.28 -5.47
N GLU B 191 17.45 -17.33 -4.19
CA GLU B 191 18.19 -17.92 -3.09
C GLU B 191 18.35 -19.42 -3.27
N THR B 192 17.32 -20.10 -3.81
CA THR B 192 17.32 -21.53 -4.14
C THR B 192 18.31 -21.78 -5.27
N THR B 193 18.35 -20.87 -6.28
CA THR B 193 19.24 -20.94 -7.44
C THR B 193 20.70 -20.83 -7.00
N MET B 194 21.03 -19.92 -6.07
CA MET B 194 22.41 -19.77 -5.55
C MET B 194 22.89 -20.96 -4.70
N ARG B 195 21.95 -21.70 -4.09
CA ARG B 195 22.25 -22.85 -3.22
C ARG B 195 22.38 -24.20 -3.94
N SER B 196 21.70 -24.38 -5.08
CA SER B 196 21.65 -25.64 -5.81
C SER B 196 22.73 -25.83 -6.90
N PRO B 197 23.35 -27.05 -7.04
CA PRO B 197 24.32 -27.25 -8.13
C PRO B 197 23.62 -27.63 -9.43
#